data_1NJS
#
_entry.id   1NJS
#
_cell.length_a   126.235
_cell.length_b   126.235
_cell.length_c   94.419
_cell.angle_alpha   90.00
_cell.angle_beta   90.00
_cell.angle_gamma   120.00
#
_symmetry.space_group_name_H-M   'P 31 2 1'
#
loop_
_entity.id
_entity.type
_entity.pdbx_description
1 polymer 'Phosphoribosylglycinamide formyltransferase'
2 non-polymer 'PHOSPHATE ION'
3 non-polymer 'N-{4-[(1R)-4-[(2R,4R,5S)-2,4-DIAMINO-6-OXOHEXAHYDROPYRIMIDIN-5-YL]-1-(2,2,2-TRIFLUORO-1,1-DIHYDROXYETHYL)BUTYL]BENZOYL}-D-GLUTAMIC ACID'
4 water water
#
_entity_poly.entity_id   1
_entity_poly.type   'polypeptide(L)'
_entity_poly.pdbx_seq_one_letter_code
;ARVAVLISGTGSNLQALIDSTREPNSSAQIDIVISNKAAVAGLDKAERAGIPTRVINHKLYKNRVEFDSAIDLVLEEFSI
DIVCLAGFMRILSGPFVQKWNGKMLNIHPSLLPSFKGSNAHEQALETGVTVTGCTVHFVAEDVDAGQIILQEAVPVKRGD
TVATLSERVKLAEHKIFPAALQLVASGTVQLGENGKICWVKEEHHHHHH
;
_entity_poly.pdbx_strand_id   A,B
#
loop_
_chem_comp.id
_chem_comp.type
_chem_comp.name
_chem_comp.formula
KEU non-polymer 'N-{4-[(1R)-4-[(2R,4R,5S)-2,4-DIAMINO-6-OXOHEXAHYDROPYRIMIDIN-5-YL]-1-(2,2,2-TRIFLUORO-1,1-DIHYDROXYETHYL)BUTYL]BENZOYL}-D-GLUTAMIC ACID' 'C22 H30 F3 N5 O8'
PO4 non-polymer 'PHOSPHATE ION' 'O4 P -3'
#
# COMPACT_ATOMS: atom_id res chain seq x y z
N ALA A 1 19.84 23.39 -8.41
CA ALA A 1 19.88 23.25 -6.92
C ALA A 1 21.11 22.45 -6.47
N ARG A 2 21.71 22.88 -5.37
CA ARG A 2 22.83 22.16 -4.79
C ARG A 2 22.36 21.14 -3.75
N VAL A 3 22.78 19.89 -3.93
CA VAL A 3 22.22 18.79 -3.18
C VAL A 3 23.24 18.11 -2.29
N ALA A 4 22.84 17.85 -1.04
CA ALA A 4 23.56 16.92 -0.18
C ALA A 4 22.82 15.59 -0.11
N VAL A 5 23.58 14.50 -0.08
CA VAL A 5 22.99 13.20 0.19
C VAL A 5 23.58 12.67 1.49
N LEU A 6 22.70 12.29 2.41
CA LEU A 6 23.08 11.64 3.66
C LEU A 6 22.87 10.12 3.50
N ILE A 7 23.84 9.36 3.98
CA ILE A 7 23.83 7.89 3.83
C ILE A 7 24.27 7.23 5.11
N SER A 8 24.02 5.94 5.23
CA SER A 8 24.56 5.14 6.32
C SER A 8 25.12 3.79 5.84
N GLY A 9 25.13 3.53 4.54
CA GLY A 9 25.45 2.19 4.07
C GLY A 9 25.95 2.10 2.63
N THR A 10 25.36 1.16 1.89
CA THR A 10 25.85 0.70 0.59
C THR A 10 25.88 1.81 -0.47
N GLY A 11 24.84 2.64 -0.47
CA GLY A 11 24.77 3.81 -1.33
C GLY A 11 24.22 3.54 -2.73
N SER A 12 23.45 2.46 -2.93
CA SER A 12 22.87 2.19 -4.26
C SER A 12 21.91 3.32 -4.66
N ASN A 13 21.14 3.84 -3.71
CA ASN A 13 20.30 5.01 -3.98
C ASN A 13 21.12 6.25 -4.36
N LEU A 14 22.16 6.53 -3.57
CA LEU A 14 23.12 7.55 -3.92
C LEU A 14 23.61 7.42 -5.35
N GLN A 15 24.00 6.21 -5.76
CA GLN A 15 24.52 5.99 -7.12
C GLN A 15 23.50 6.41 -8.17
N ALA A 16 22.23 6.03 -7.98
CA ALA A 16 21.21 6.39 -8.96
C ALA A 16 21.01 7.90 -9.01
N LEU A 17 21.08 8.57 -7.86
CA LEU A 17 21.02 10.04 -7.84
C LEU A 17 22.23 10.68 -8.54
N ILE A 18 23.44 10.15 -8.29
CA ILE A 18 24.61 10.68 -9.00
C ILE A 18 24.41 10.60 -10.51
N ASP A 19 24.06 9.41 -10.99
CA ASP A 19 23.86 9.19 -12.41
C ASP A 19 22.78 10.14 -13.03
N SER A 20 21.60 10.22 -12.41
CA SER A 20 20.54 11.10 -12.92
C SER A 20 20.87 12.60 -12.89
N THR A 21 21.54 13.08 -11.85
CA THR A 21 21.87 14.51 -11.79
C THR A 21 22.92 14.91 -12.84
N ARG A 22 23.53 13.91 -13.48
CA ARG A 22 24.52 14.18 -14.54
C ARG A 22 24.01 13.93 -15.95
N GLU A 23 22.74 13.57 -16.05
CA GLU A 23 22.06 13.46 -17.33
C GLU A 23 21.77 14.89 -17.78
N PRO A 24 21.54 15.12 -19.07
CA PRO A 24 21.37 16.48 -19.56
C PRO A 24 20.05 17.08 -19.04
N ASN A 25 20.04 18.41 -18.83
CA ASN A 25 18.88 19.12 -18.31
C ASN A 25 18.58 18.90 -16.83
N SER A 26 19.48 18.28 -16.09
CA SER A 26 19.30 18.13 -14.65
C SER A 26 19.21 19.49 -13.94
N SER A 27 18.31 19.59 -12.96
CA SER A 27 18.17 20.82 -12.17
C SER A 27 18.92 20.71 -10.85
N ALA A 28 19.60 19.57 -10.66
CA ALA A 28 20.35 19.32 -9.42
C ALA A 28 21.80 18.86 -9.66
N GLN A 29 22.70 19.21 -8.75
CA GLN A 29 24.05 18.63 -8.69
C GLN A 29 24.31 18.17 -7.26
N ILE A 30 24.90 16.99 -7.10
CA ILE A 30 25.31 16.50 -5.78
C ILE A 30 26.68 17.07 -5.39
N ASP A 31 26.68 17.87 -4.34
CA ASP A 31 27.90 18.60 -3.97
C ASP A 31 28.61 18.05 -2.75
N ILE A 32 27.88 17.28 -1.94
CA ILE A 32 28.46 16.68 -0.73
C ILE A 32 27.70 15.41 -0.36
N VAL A 33 28.43 14.42 0.14
CA VAL A 33 27.82 13.19 0.63
C VAL A 33 28.30 13.03 2.07
N ILE A 34 27.35 12.84 2.98
CA ILE A 34 27.67 12.70 4.41
C ILE A 34 27.22 11.36 4.91
N SER A 35 28.15 10.64 5.56
CA SER A 35 27.78 9.41 6.25
C SER A 35 27.96 9.55 7.76
N ASN A 36 27.04 8.96 8.51
CA ASN A 36 27.19 8.83 9.97
C ASN A 36 28.03 7.62 10.38
N LYS A 37 28.49 6.84 9.39
CA LYS A 37 29.23 5.60 9.62
C LYS A 37 30.46 5.54 8.69
N ALA A 38 31.63 5.25 9.24
CA ALA A 38 32.86 5.09 8.47
C ALA A 38 32.83 3.79 7.67
N ALA A 39 33.63 3.75 6.60
CA ALA A 39 33.91 2.52 5.86
C ALA A 39 32.70 1.89 5.20
N VAL A 40 31.71 2.71 4.85
CA VAL A 40 30.55 2.19 4.12
C VAL A 40 30.77 2.44 2.61
N ALA A 41 30.22 1.58 1.77
CA ALA A 41 30.46 1.62 0.33
C ALA A 41 29.97 2.91 -0.36
N GLY A 42 28.93 3.52 0.20
CA GLY A 42 28.38 4.75 -0.34
C GLY A 42 29.40 5.86 -0.35
N LEU A 43 30.32 5.82 0.61
CA LEU A 43 31.42 6.79 0.62
C LEU A 43 32.38 6.57 -0.56
N ASP A 44 32.67 5.32 -0.89
CA ASP A 44 33.52 5.01 -2.04
C ASP A 44 32.85 5.47 -3.33
N LYS A 45 31.54 5.21 -3.45
CA LYS A 45 30.77 5.62 -4.62
C LYS A 45 30.83 7.15 -4.86
N ALA A 46 30.65 7.92 -3.79
CA ALA A 46 30.77 9.38 -3.86
C ALA A 46 32.15 9.83 -4.31
N GLU A 47 33.18 9.24 -3.70
CA GLU A 47 34.57 9.61 -4.00
C GLU A 47 34.95 9.23 -5.44
N ARG A 48 34.46 8.08 -5.90
CA ARG A 48 34.69 7.63 -7.27
C ARG A 48 34.01 8.54 -8.32
N ALA A 49 32.94 9.22 -7.90
CA ALA A 49 32.22 10.20 -8.71
C ALA A 49 32.80 11.62 -8.63
N GLY A 50 33.88 11.79 -7.85
CA GLY A 50 34.53 13.07 -7.66
C GLY A 50 33.76 14.03 -6.77
N ILE A 51 32.97 13.48 -5.84
CA ILE A 51 32.13 14.26 -4.93
C ILE A 51 32.74 14.17 -3.52
N PRO A 52 32.90 15.31 -2.84
CA PRO A 52 33.47 15.32 -1.49
C PRO A 52 32.57 14.54 -0.52
N THR A 53 33.19 13.97 0.50
CA THR A 53 32.45 13.24 1.54
C THR A 53 32.89 13.69 2.91
N ARG A 54 32.00 13.50 3.88
CA ARG A 54 32.38 13.61 5.27
C ARG A 54 31.80 12.43 6.04
N VAL A 55 32.51 12.01 7.08
CA VAL A 55 31.96 11.11 8.07
C VAL A 55 31.73 11.90 9.35
N ILE A 56 30.48 11.92 9.80
CA ILE A 56 30.10 12.56 11.04
C ILE A 56 29.53 11.46 11.93
N ASN A 57 30.36 10.96 12.85
CA ASN A 57 29.99 9.80 13.66
C ASN A 57 28.98 10.19 14.75
N HIS A 58 27.73 9.72 14.59
CA HIS A 58 26.66 10.05 15.55
C HIS A 58 26.95 9.66 17.01
N LYS A 59 27.77 8.62 17.21
CA LYS A 59 28.18 8.17 18.56
C LYS A 59 29.08 9.13 19.34
N LEU A 60 29.67 10.09 18.64
CA LEU A 60 30.56 11.06 19.28
C LEU A 60 29.80 12.29 19.79
N TYR A 61 28.47 12.29 19.67
CA TYR A 61 27.66 13.44 20.14
C TYR A 61 26.77 13.05 21.32
N LYS A 62 26.59 14.00 22.25
CA LYS A 62 25.80 13.77 23.47
C LYS A 62 24.34 13.49 23.15
N ASN A 63 23.83 14.22 22.17
CA ASN A 63 22.43 14.12 21.80
C ASN A 63 22.24 14.38 20.30
N ARG A 64 21.02 14.22 19.82
CA ARG A 64 20.72 14.32 18.40
C ARG A 64 20.84 15.75 17.87
N VAL A 65 20.49 16.73 18.69
CA VAL A 65 20.58 18.13 18.29
C VAL A 65 22.03 18.51 17.92
N GLU A 66 22.97 18.15 18.78
CA GLU A 66 24.39 18.42 18.54
C GLU A 66 24.95 17.67 17.32
N PHE A 67 24.57 16.41 17.16
CA PHE A 67 24.91 15.67 15.95
C PHE A 67 24.35 16.35 14.69
N ASP A 68 23.04 16.65 14.71
CA ASP A 68 22.37 17.35 13.60
C ASP A 68 23.00 18.71 13.31
N SER A 69 23.45 19.40 14.35
CA SER A 69 24.11 20.70 14.16
C SER A 69 25.43 20.55 13.38
N ALA A 70 26.19 19.50 13.70
CA ALA A 70 27.41 19.17 12.96
C ALA A 70 27.10 18.88 11.49
N ILE A 71 26.04 18.13 11.22
CA ILE A 71 25.57 17.95 9.84
C ILE A 71 25.26 19.33 9.25
N ASP A 72 24.44 20.11 9.94
CA ASP A 72 23.99 21.41 9.42
C ASP A 72 25.16 22.35 9.07
N LEU A 73 26.22 22.29 9.89
CA LEU A 73 27.44 23.09 9.67
C LEU A 73 28.00 22.79 8.30
N VAL A 74 28.17 21.50 8.00
CA VAL A 74 28.63 21.04 6.69
C VAL A 74 27.68 21.45 5.54
N LEU A 75 26.37 21.30 5.73
CA LEU A 75 25.41 21.74 4.70
C LEU A 75 25.52 23.22 4.41
N GLU A 76 25.84 24.00 5.44
CA GLU A 76 26.07 25.42 5.24
C GLU A 76 27.39 25.66 4.50
N GLU A 77 28.45 24.97 4.93
CA GLU A 77 29.77 25.01 4.28
C GLU A 77 29.66 24.77 2.77
N PHE A 78 28.68 23.95 2.37
CA PHE A 78 28.51 23.62 0.96
C PHE A 78 27.34 24.33 0.27
N SER A 79 26.75 25.31 0.95
CA SER A 79 25.69 26.12 0.35
C SER A 79 24.57 25.25 -0.20
N ILE A 80 24.15 24.26 0.59
CA ILE A 80 23.22 23.23 0.15
C ILE A 80 21.77 23.74 0.11
N ASP A 81 21.06 23.43 -0.99
CA ASP A 81 19.65 23.78 -1.18
C ASP A 81 18.68 22.67 -0.79
N ILE A 82 19.05 21.43 -1.11
CA ILE A 82 18.16 20.30 -0.89
C ILE A 82 18.97 19.13 -0.32
N VAL A 83 18.36 18.45 0.65
CA VAL A 83 18.97 17.29 1.28
C VAL A 83 18.16 16.04 0.89
N CYS A 84 18.86 14.99 0.44
CA CYS A 84 18.24 13.69 0.17
C CYS A 84 18.77 12.69 1.17
N LEU A 85 17.86 11.98 1.86
CA LEU A 85 18.23 10.89 2.74
C LEU A 85 18.13 9.59 1.94
N ALA A 86 19.27 8.92 1.77
CA ALA A 86 19.36 7.77 0.90
C ALA A 86 19.97 6.62 1.70
N GLY A 87 19.11 5.87 2.40
CA GLY A 87 19.57 4.83 3.32
C GLY A 87 20.23 5.42 4.57
N PHE A 88 19.90 6.68 4.88
CA PHE A 88 20.31 7.29 6.13
C PHE A 88 19.47 6.76 7.31
N MET A 89 20.15 6.32 8.36
CA MET A 89 19.47 5.57 9.44
C MET A 89 19.35 6.29 10.77
N ARG A 90 19.59 7.59 10.77
CA ARG A 90 19.41 8.36 12.00
C ARG A 90 18.17 9.22 11.92
N ILE A 91 17.29 9.09 12.92
CA ILE A 91 16.16 10.00 13.06
C ILE A 91 16.68 11.40 13.44
N LEU A 92 16.23 12.40 12.68
CA LEU A 92 16.68 13.77 12.86
C LEU A 92 15.78 14.52 13.85
N SER A 93 16.39 15.45 14.58
CA SER A 93 15.71 16.25 15.59
C SER A 93 14.76 17.27 14.96
N GLY A 94 13.74 17.64 15.73
CA GLY A 94 12.76 18.65 15.37
C GLY A 94 13.30 19.91 14.70
N PRO A 95 14.24 20.58 15.33
CA PRO A 95 14.78 21.83 14.78
C PRO A 95 15.50 21.64 13.44
N PHE A 96 16.24 20.55 13.26
CA PHE A 96 16.87 20.28 11.97
C PHE A 96 15.80 20.12 10.88
N VAL A 97 14.81 19.27 11.17
CA VAL A 97 13.73 18.97 10.26
C VAL A 97 12.93 20.23 9.91
N GLN A 98 12.67 21.06 10.91
CA GLN A 98 11.98 22.33 10.72
C GLN A 98 12.78 23.24 9.80
N LYS A 99 14.10 23.32 10.04
CA LYS A 99 14.95 24.18 9.21
C LYS A 99 14.90 23.76 7.74
N TRP A 100 15.02 22.45 7.50
CA TRP A 100 15.04 21.89 6.16
C TRP A 100 13.65 21.57 5.56
N ASN A 101 12.58 22.03 6.22
CA ASN A 101 11.19 21.75 5.79
C ASN A 101 10.96 22.16 4.33
N GLY A 102 10.44 21.23 3.53
CA GLY A 102 10.19 21.47 2.12
C GLY A 102 11.42 21.30 1.24
N LYS A 103 12.57 21.02 1.84
CA LYS A 103 13.82 20.91 1.10
C LYS A 103 14.58 19.60 1.40
N MET A 104 13.96 18.69 2.16
CA MET A 104 14.59 17.42 2.49
C MET A 104 13.68 16.26 2.15
N LEU A 105 14.23 15.31 1.39
CA LEU A 105 13.50 14.16 0.86
C LEU A 105 14.09 12.87 1.39
N ASN A 106 13.25 11.85 1.48
CA ASN A 106 13.67 10.53 1.93
C ASN A 106 13.12 9.48 0.99
N ILE A 107 13.84 8.38 0.82
CA ILE A 107 13.34 7.20 0.09
C ILE A 107 12.99 6.12 1.10
N HIS A 108 11.77 5.58 1.03
CA HIS A 108 11.35 4.56 2.00
C HIS A 108 10.85 3.32 1.25
N PRO A 109 11.33 2.11 1.57
CA PRO A 109 10.94 0.91 0.81
C PRO A 109 9.58 0.26 1.19
N SER A 110 8.53 1.08 1.24
CA SER A 110 7.16 0.57 1.25
C SER A 110 6.24 1.60 0.63
N LEU A 111 4.98 1.21 0.35
CA LEU A 111 3.93 2.17 0.01
C LEU A 111 3.36 2.74 1.30
N LEU A 112 3.94 3.86 1.76
CA LEU A 112 3.39 4.58 2.92
C LEU A 112 1.92 4.90 2.65
N PRO A 113 1.04 4.88 3.66
CA PRO A 113 1.38 4.77 5.08
C PRO A 113 1.65 3.37 5.65
N SER A 114 1.58 2.29 4.85
CA SER A 114 1.94 0.96 5.38
C SER A 114 3.42 0.83 5.68
N PHE A 115 3.73 0.04 6.71
CA PHE A 115 5.08 -0.41 6.98
C PHE A 115 6.09 0.71 7.14
N LYS A 116 5.73 1.66 8.00
CA LYS A 116 6.68 2.67 8.46
C LYS A 116 7.78 1.97 9.24
N GLY A 117 8.96 2.59 9.28
CA GLY A 117 10.10 2.03 10.02
C GLY A 117 11.15 1.37 9.13
N SER A 118 12.30 1.03 9.73
CA SER A 118 13.48 0.65 8.96
C SER A 118 13.45 -0.81 8.48
N ASN A 119 12.49 -1.61 8.94
CA ASN A 119 12.39 -3.01 8.52
C ASN A 119 11.09 -3.24 7.75
N ALA A 120 10.83 -2.40 6.75
CA ALA A 120 9.56 -2.47 6.03
C ALA A 120 9.39 -3.83 5.33
N HIS A 121 10.47 -4.38 4.77
CA HIS A 121 10.36 -5.66 4.04
C HIS A 121 9.99 -6.80 4.97
N GLU A 122 10.57 -6.78 6.17
CA GLU A 122 10.23 -7.83 7.17
C GLU A 122 8.72 -7.70 7.53
N GLN A 123 8.24 -6.47 7.68
CA GLN A 123 6.81 -6.25 7.95
C GLN A 123 5.92 -6.74 6.79
N ALA A 124 6.33 -6.43 5.55
CA ALA A 124 5.52 -6.80 4.37
C ALA A 124 5.43 -8.31 4.25
N LEU A 125 6.54 -8.99 4.48
CA LEU A 125 6.53 -10.47 4.45
C LEU A 125 5.69 -11.12 5.55
N GLU A 126 5.81 -10.62 6.79
CA GLU A 126 4.97 -11.11 7.92
C GLU A 126 3.49 -10.92 7.63
N THR A 127 3.15 -9.78 7.04
CA THR A 127 1.77 -9.37 6.80
C THR A 127 1.14 -10.12 5.61
N GLY A 128 1.96 -10.55 4.67
CA GLY A 128 1.47 -11.36 3.56
C GLY A 128 0.88 -10.55 2.42
N VAL A 129 1.24 -9.28 2.30
CA VAL A 129 0.92 -8.51 1.09
C VAL A 129 1.50 -9.19 -0.17
N THR A 130 0.81 -9.03 -1.30
CA THR A 130 1.36 -9.45 -2.59
C THR A 130 1.86 -8.27 -3.37
N VAL A 131 1.57 -7.08 -2.86
CA VAL A 131 2.03 -5.84 -3.50
C VAL A 131 2.62 -4.94 -2.42
N THR A 132 3.86 -4.52 -2.63
CA THR A 132 4.45 -3.51 -1.75
C THR A 132 4.98 -2.41 -2.69
N GLY A 133 6.04 -1.71 -2.32
CA GLY A 133 6.59 -0.71 -3.22
C GLY A 133 7.53 0.22 -2.49
N CYS A 134 7.67 1.43 -3.01
CA CYS A 134 8.55 2.41 -2.36
C CYS A 134 7.96 3.78 -2.50
N THR A 135 8.44 4.70 -1.67
CA THR A 135 7.86 6.03 -1.54
C THR A 135 8.96 7.06 -1.37
N VAL A 136 8.86 8.16 -2.13
CA VAL A 136 9.66 9.36 -1.84
C VAL A 136 8.76 10.37 -1.15
N HIS A 137 9.18 10.87 0.00
CA HIS A 137 8.38 11.82 0.76
C HIS A 137 9.24 12.95 1.30
N PHE A 138 8.65 14.14 1.43
CA PHE A 138 9.29 15.19 2.22
C PHE A 138 9.46 14.67 3.66
N VAL A 139 10.51 15.11 4.34
CA VAL A 139 10.79 14.61 5.70
C VAL A 139 10.07 15.52 6.68
N ALA A 140 9.25 14.91 7.53
CA ALA A 140 8.56 15.62 8.58
C ALA A 140 9.09 15.10 9.91
N GLU A 141 8.70 15.75 10.99
CA GLU A 141 9.18 15.32 12.31
C GLU A 141 8.77 13.88 12.60
N ASP A 142 7.52 13.55 12.29
CA ASP A 142 7.03 12.20 12.52
C ASP A 142 7.67 11.30 11.46
N VAL A 143 8.29 10.23 11.92
CA VAL A 143 9.10 9.37 11.08
C VAL A 143 8.26 8.73 9.97
N ASP A 144 8.73 8.80 8.73
CA ASP A 144 8.06 8.14 7.59
C ASP A 144 6.61 8.61 7.42
N ALA A 145 6.38 9.89 7.75
CA ALA A 145 5.03 10.41 7.77
C ALA A 145 4.91 11.74 7.07
N GLY A 146 5.97 12.20 6.41
CA GLY A 146 5.90 13.47 5.67
C GLY A 146 5.14 13.33 4.35
N GLN A 147 4.93 14.46 3.69
CA GLN A 147 4.09 14.49 2.49
C GLN A 147 4.67 13.68 1.34
N ILE A 148 3.83 12.87 0.72
CA ILE A 148 4.25 11.92 -0.32
C ILE A 148 4.43 12.62 -1.65
N ILE A 149 5.59 12.40 -2.29
CA ILE A 149 5.89 12.95 -3.62
C ILE A 149 5.58 11.95 -4.72
N LEU A 150 6.26 10.80 -4.70
CA LEU A 150 6.03 9.76 -5.68
C LEU A 150 6.01 8.42 -5.00
N GLN A 151 5.33 7.46 -5.62
CA GLN A 151 5.37 6.07 -5.17
C GLN A 151 5.39 5.14 -6.36
N GLU A 152 5.87 3.91 -6.16
CA GLU A 152 5.80 2.91 -7.24
C GLU A 152 5.55 1.55 -6.60
N ALA A 153 4.55 0.85 -7.12
CA ALA A 153 4.21 -0.48 -6.59
C ALA A 153 5.20 -1.50 -7.13
N VAL A 154 5.51 -2.50 -6.30
CA VAL A 154 6.41 -3.61 -6.68
C VAL A 154 5.75 -4.91 -6.18
N PRO A 155 5.65 -5.94 -7.03
CA PRO A 155 5.05 -7.20 -6.61
C PRO A 155 5.91 -7.90 -5.53
N VAL A 156 5.25 -8.60 -4.61
CA VAL A 156 5.93 -9.53 -3.74
C VAL A 156 5.76 -10.93 -4.40
N LYS A 157 6.86 -11.66 -4.54
CA LYS A 157 6.80 -13.00 -5.13
C LYS A 157 6.68 -14.07 -4.06
N ARG A 158 5.87 -15.09 -4.32
CA ARG A 158 5.84 -16.22 -3.40
C ARG A 158 7.25 -16.78 -3.31
N GLY A 159 7.72 -16.92 -2.08
CA GLY A 159 9.06 -17.44 -1.82
C GLY A 159 10.11 -16.37 -1.61
N ASP A 160 9.73 -15.09 -1.76
CA ASP A 160 10.66 -14.00 -1.49
C ASP A 160 11.30 -14.09 -0.12
N THR A 161 12.58 -13.73 -0.06
CA THR A 161 13.20 -13.42 1.23
C THR A 161 13.24 -11.91 1.36
N VAL A 162 13.73 -11.42 2.51
CA VAL A 162 14.03 -10.01 2.67
C VAL A 162 15.02 -9.57 1.57
N ALA A 163 16.05 -10.37 1.31
CA ALA A 163 17.04 -10.05 0.26
C ALA A 163 16.41 -9.89 -1.14
N THR A 164 15.60 -10.86 -1.56
CA THR A 164 15.08 -10.79 -2.93
C THR A 164 14.02 -9.68 -3.10
N LEU A 165 13.24 -9.46 -2.05
CA LEU A 165 12.20 -8.45 -2.12
C LEU A 165 12.91 -7.10 -2.09
N SER A 166 13.91 -6.98 -1.21
CA SER A 166 14.67 -5.75 -1.09
C SER A 166 15.27 -5.33 -2.44
N GLU A 167 15.87 -6.30 -3.14
CA GLU A 167 16.52 -6.03 -4.42
C GLU A 167 15.53 -5.56 -5.48
N ARG A 168 14.35 -6.18 -5.54
CA ARG A 168 13.33 -5.81 -6.52
C ARG A 168 12.82 -4.38 -6.24
N VAL A 169 12.60 -4.08 -4.97
CA VAL A 169 12.14 -2.73 -4.59
C VAL A 169 13.24 -1.67 -4.84
N LYS A 170 14.51 -2.01 -4.60
CA LYS A 170 15.60 -1.07 -4.89
C LYS A 170 15.58 -0.62 -6.36
N LEU A 171 15.28 -1.52 -7.27
CA LEU A 171 15.17 -1.17 -8.69
C LEU A 171 14.13 -0.06 -8.93
N ALA A 172 13.00 -0.13 -8.23
CA ALA A 172 12.00 0.94 -8.34
C ALA A 172 12.47 2.22 -7.64
N GLU A 173 13.14 2.06 -6.50
CA GLU A 173 13.68 3.22 -5.76
C GLU A 173 14.61 4.06 -6.63
N HIS A 174 15.46 3.37 -7.40
CA HIS A 174 16.43 4.03 -8.28
C HIS A 174 15.74 4.76 -9.44
N LYS A 175 14.48 4.46 -9.70
CA LYS A 175 13.68 5.24 -10.64
C LYS A 175 12.99 6.43 -9.95
N ILE A 176 12.23 6.20 -8.88
CA ILE A 176 11.45 7.31 -8.34
C ILE A 176 12.23 8.36 -7.57
N PHE A 177 13.32 7.98 -6.90
CA PHE A 177 14.08 8.95 -6.10
C PHE A 177 14.75 10.02 -6.97
N PRO A 178 15.47 9.65 -8.05
CA PRO A 178 15.99 10.69 -8.95
C PRO A 178 14.86 11.51 -9.57
N ALA A 179 13.74 10.88 -9.91
CA ALA A 179 12.63 11.60 -10.54
C ALA A 179 12.07 12.64 -9.59
N ALA A 180 11.93 12.26 -8.32
CA ALA A 180 11.40 13.15 -7.27
C ALA A 180 12.38 14.28 -7.00
N LEU A 181 13.67 13.95 -6.99
CA LEU A 181 14.68 14.97 -6.78
C LEU A 181 14.58 16.02 -7.89
N GLN A 182 14.43 15.56 -9.13
CA GLN A 182 14.33 16.49 -10.24
C GLN A 182 13.08 17.39 -10.13
N LEU A 183 11.97 16.79 -9.74
CA LEU A 183 10.72 17.51 -9.52
C LEU A 183 10.87 18.64 -8.49
N VAL A 184 11.53 18.34 -7.36
CA VAL A 184 11.70 19.32 -6.30
C VAL A 184 12.76 20.35 -6.68
N ALA A 185 13.86 19.89 -7.25
CA ALA A 185 14.94 20.79 -7.65
C ALA A 185 14.51 21.79 -8.74
N SER A 186 13.56 21.38 -9.59
CA SER A 186 13.07 22.29 -10.63
C SER A 186 11.96 23.24 -10.14
N GLY A 187 11.54 23.07 -8.89
CA GLY A 187 10.38 23.81 -8.39
C GLY A 187 9.04 23.32 -8.94
N THR A 188 9.02 22.16 -9.58
CA THR A 188 7.78 21.61 -10.13
C THR A 188 6.90 21.10 -8.99
N VAL A 189 7.54 20.52 -7.99
CA VAL A 189 6.86 20.04 -6.80
C VAL A 189 7.38 20.80 -5.59
N GLN A 190 6.46 21.37 -4.82
CA GLN A 190 6.80 22.08 -3.61
C GLN A 190 5.94 21.61 -2.45
N LEU A 191 6.46 21.77 -1.24
CA LEU A 191 5.64 21.69 -0.05
C LEU A 191 4.98 23.04 0.14
N GLY A 192 3.66 23.08 0.08
CA GLY A 192 2.91 24.32 0.23
C GLY A 192 2.80 24.79 1.67
N GLU A 193 2.44 26.06 1.84
CA GLU A 193 2.27 26.65 3.18
C GLU A 193 1.25 25.89 4.02
N ASN A 194 0.12 25.52 3.40
CA ASN A 194 -0.90 24.67 4.02
C ASN A 194 -0.40 23.26 4.41
N GLY A 195 0.92 23.04 4.32
CA GLY A 195 1.51 21.75 4.65
C GLY A 195 1.28 20.64 3.65
N LYS A 196 0.60 20.94 2.54
CA LYS A 196 0.29 19.93 1.52
C LYS A 196 1.19 20.08 0.30
N ILE A 197 1.42 18.98 -0.40
CA ILE A 197 2.23 19.02 -1.62
C ILE A 197 1.53 19.81 -2.72
N CYS A 198 2.32 20.60 -3.42
CA CYS A 198 1.81 21.42 -4.48
C CYS A 198 2.58 21.11 -5.75
N TRP A 199 1.84 20.83 -6.83
CA TRP A 199 2.42 20.73 -8.16
C TRP A 199 2.23 22.04 -8.93
N VAL A 200 3.33 22.68 -9.31
CA VAL A 200 3.27 23.93 -10.08
C VAL A 200 3.22 23.62 -11.56
N ALA B 1 -17.49 -25.65 -6.60
CA ALA B 1 -17.96 -24.95 -5.39
C ALA B 1 -19.21 -24.14 -5.67
N ARG B 2 -20.18 -24.24 -4.77
CA ARG B 2 -21.40 -23.45 -4.83
C ARG B 2 -21.19 -22.18 -4.02
N VAL B 3 -21.52 -21.05 -4.61
CA VAL B 3 -21.12 -19.77 -4.03
C VAL B 3 -22.33 -18.92 -3.77
N ALA B 4 -22.32 -18.25 -2.62
CA ALA B 4 -23.27 -17.19 -2.32
C ALA B 4 -22.54 -15.87 -2.36
N VAL B 5 -23.22 -14.84 -2.87
CA VAL B 5 -22.68 -13.47 -2.80
C VAL B 5 -23.58 -12.62 -1.91
N LEU B 6 -23.00 -11.98 -0.90
CA LEU B 6 -23.77 -11.09 -0.02
C LEU B 6 -23.51 -9.67 -0.43
N ILE B 7 -24.58 -8.88 -0.49
CA ILE B 7 -24.50 -7.49 -0.94
C ILE B 7 -25.31 -6.61 0.01
N SER B 8 -25.05 -5.31 -0.04
CA SER B 8 -25.89 -4.31 0.62
C SER B 8 -26.35 -3.20 -0.34
N GLY B 9 -25.80 -3.17 -1.55
CA GLY B 9 -26.06 -2.07 -2.45
C GLY B 9 -26.11 -2.44 -3.92
N THR B 10 -25.19 -1.87 -4.72
CA THR B 10 -25.31 -2.03 -6.18
C THR B 10 -24.76 -3.38 -6.66
N GLY B 11 -24.17 -4.15 -5.74
CA GLY B 11 -23.53 -5.41 -6.08
C GLY B 11 -22.34 -5.19 -6.99
N SER B 12 -21.48 -4.24 -6.61
CA SER B 12 -20.22 -4.01 -7.33
C SER B 12 -19.49 -5.33 -7.39
N ASN B 13 -18.94 -5.63 -8.56
CA ASN B 13 -18.23 -6.88 -8.84
C ASN B 13 -19.10 -8.13 -8.99
N LEU B 14 -20.40 -8.03 -8.72
CA LEU B 14 -21.28 -9.17 -8.92
C LEU B 14 -21.30 -9.63 -10.38
N GLN B 15 -21.39 -8.72 -11.34
CA GLN B 15 -21.37 -9.15 -12.73
C GLN B 15 -20.03 -9.81 -13.08
N ALA B 16 -18.95 -9.22 -12.57
CA ALA B 16 -17.62 -9.77 -12.79
C ALA B 16 -17.52 -11.21 -12.27
N LEU B 17 -18.02 -11.42 -11.04
CA LEU B 17 -18.06 -12.78 -10.48
C LEU B 17 -18.94 -13.72 -11.32
N ILE B 18 -20.15 -13.28 -11.69
CA ILE B 18 -21.03 -14.10 -12.52
C ILE B 18 -20.32 -14.51 -13.82
N ASP B 19 -19.76 -13.54 -14.53
CA ASP B 19 -19.16 -13.83 -15.84
C ASP B 19 -18.03 -14.85 -15.72
N SER B 20 -17.19 -14.64 -14.71
CA SER B 20 -16.09 -15.56 -14.44
C SER B 20 -16.59 -16.99 -14.21
N THR B 21 -17.60 -17.14 -13.38
CA THR B 21 -18.10 -18.48 -13.04
C THR B 21 -18.75 -19.19 -14.22
N ARG B 22 -19.14 -18.45 -15.24
CA ARG B 22 -19.77 -19.08 -16.38
C ARG B 22 -18.78 -19.46 -17.50
N GLU B 23 -17.49 -19.20 -17.28
CA GLU B 23 -16.43 -19.58 -18.23
C GLU B 23 -16.25 -21.10 -18.19
N PRO B 24 -15.81 -21.72 -19.29
CA PRO B 24 -15.74 -23.19 -19.37
C PRO B 24 -14.96 -23.87 -18.24
N ASN B 25 -13.79 -23.37 -17.86
CA ASN B 25 -12.95 -24.04 -16.87
C ASN B 25 -13.24 -23.62 -15.41
N SER B 26 -14.42 -23.02 -15.17
CA SER B 26 -14.73 -22.45 -13.87
C SER B 26 -14.88 -23.51 -12.79
N SER B 27 -14.38 -23.20 -11.61
CA SER B 27 -14.46 -24.09 -10.46
C SER B 27 -15.61 -23.70 -9.54
N ALA B 28 -16.30 -22.60 -9.87
CA ALA B 28 -17.38 -22.06 -9.04
C ALA B 28 -18.69 -21.77 -9.81
N GLN B 29 -19.81 -21.74 -9.09
CA GLN B 29 -21.09 -21.26 -9.64
C GLN B 29 -21.78 -20.34 -8.62
N ILE B 30 -22.35 -19.23 -9.08
CA ILE B 30 -23.14 -18.39 -8.17
C ILE B 30 -24.57 -18.90 -8.09
N ASP B 31 -24.95 -19.36 -6.90
CA ASP B 31 -26.25 -20.01 -6.71
C ASP B 31 -27.24 -19.16 -5.95
N ILE B 32 -26.75 -18.12 -5.30
CA ILE B 32 -27.64 -17.24 -4.57
C ILE B 32 -26.98 -15.90 -4.28
N VAL B 33 -27.79 -14.86 -4.32
CA VAL B 33 -27.38 -13.52 -3.89
C VAL B 33 -28.29 -13.09 -2.74
N ILE B 34 -27.69 -12.71 -1.62
CA ILE B 34 -28.42 -12.28 -0.44
C ILE B 34 -28.08 -10.83 -0.16
N SER B 35 -29.10 -10.00 -0.08
CA SER B 35 -28.96 -8.62 0.37
C SER B 35 -29.54 -8.44 1.77
N ASN B 36 -28.93 -7.56 2.57
CA ASN B 36 -29.53 -7.17 3.85
C ASN B 36 -30.45 -5.94 3.68
N LYS B 37 -30.48 -5.38 2.48
CA LYS B 37 -31.36 -4.25 2.17
C LYS B 37 -32.25 -4.54 0.95
N ALA B 38 -33.53 -4.26 1.09
CA ALA B 38 -34.49 -4.46 0.00
C ALA B 38 -34.28 -3.44 -1.12
N ALA B 39 -34.64 -3.85 -2.34
CA ALA B 39 -34.80 -2.93 -3.47
C ALA B 39 -33.51 -2.30 -3.99
N VAL B 40 -32.36 -2.86 -3.62
CA VAL B 40 -31.08 -2.34 -4.10
C VAL B 40 -30.73 -2.91 -5.48
N ALA B 41 -29.89 -2.17 -6.22
CA ALA B 41 -29.52 -2.50 -7.60
C ALA B 41 -28.85 -3.86 -7.77
N GLY B 42 -28.07 -4.29 -6.78
CA GLY B 42 -27.43 -5.60 -6.86
C GLY B 42 -28.39 -6.78 -7.01
N LEU B 43 -29.58 -6.65 -6.42
CA LEU B 43 -30.62 -7.67 -6.55
C LEU B 43 -31.15 -7.76 -7.99
N ASP B 44 -31.29 -6.62 -8.65
CA ASP B 44 -31.71 -6.58 -10.05
C ASP B 44 -30.66 -7.24 -10.96
N LYS B 45 -29.39 -7.04 -10.63
CA LYS B 45 -28.27 -7.69 -11.31
C LYS B 45 -28.35 -9.22 -11.19
N ALA B 46 -28.59 -9.71 -9.99
CA ALA B 46 -28.79 -11.13 -9.75
C ALA B 46 -30.02 -11.68 -10.50
N GLU B 47 -31.15 -10.97 -10.37
CA GLU B 47 -32.38 -11.37 -11.03
C GLU B 47 -32.20 -11.41 -12.56
N ARG B 48 -31.53 -10.41 -13.11
CA ARG B 48 -31.26 -10.38 -14.56
C ARG B 48 -30.40 -11.57 -15.02
N ALA B 49 -29.47 -11.99 -14.16
CA ALA B 49 -28.64 -13.18 -14.40
C ALA B 49 -29.35 -14.51 -14.12
N GLY B 50 -30.62 -14.45 -13.72
CA GLY B 50 -31.40 -15.63 -13.37
C GLY B 50 -30.87 -16.38 -12.16
N ILE B 51 -30.30 -15.64 -11.20
CA ILE B 51 -29.82 -16.20 -9.94
C ILE B 51 -30.82 -15.91 -8.81
N PRO B 52 -31.21 -16.94 -8.05
CA PRO B 52 -32.09 -16.76 -6.89
C PRO B 52 -31.59 -15.69 -5.90
N THR B 53 -32.52 -14.92 -5.33
CA THR B 53 -32.15 -13.89 -4.36
C THR B 53 -32.98 -14.05 -3.09
N ARG B 54 -32.42 -13.56 -1.98
CA ARG B 54 -33.16 -13.39 -0.73
C ARG B 54 -32.84 -12.04 -0.14
N VAL B 55 -33.81 -11.46 0.55
CA VAL B 55 -33.57 -10.26 1.33
C VAL B 55 -33.69 -10.62 2.80
N ILE B 56 -32.63 -10.41 3.57
CA ILE B 56 -32.66 -10.60 5.02
C ILE B 56 -32.33 -9.26 5.70
N ASN B 57 -33.39 -8.58 6.16
CA ASN B 57 -33.28 -7.25 6.74
C ASN B 57 -32.61 -7.29 8.12
N HIS B 58 -31.37 -6.81 8.21
CA HIS B 58 -30.64 -6.81 9.47
C HIS B 58 -31.32 -6.00 10.59
N LYS B 59 -32.14 -5.03 10.21
CA LYS B 59 -32.85 -4.21 11.20
C LYS B 59 -33.97 -4.97 11.91
N LEU B 60 -34.36 -6.11 11.35
CA LEU B 60 -35.42 -6.95 11.91
C LEU B 60 -34.93 -7.89 13.02
N TYR B 61 -33.66 -7.79 13.38
CA TYR B 61 -33.06 -8.68 14.37
C TYR B 61 -32.48 -7.95 15.58
N LYS B 62 -32.56 -8.61 16.73
CA LYS B 62 -32.16 -8.04 18.02
C LYS B 62 -30.66 -7.76 18.08
N ASN B 63 -29.87 -8.69 17.53
CA ASN B 63 -28.41 -8.57 17.49
C ASN B 63 -27.81 -9.19 16.23
N ARG B 64 -26.49 -9.06 16.10
CA ARG B 64 -25.74 -9.58 14.94
C ARG B 64 -25.81 -11.10 14.81
N VAL B 65 -25.74 -11.81 15.95
CA VAL B 65 -25.70 -13.28 15.94
C VAL B 65 -26.99 -13.86 15.35
N GLU B 66 -28.12 -13.27 15.72
CA GLU B 66 -29.42 -13.74 15.22
C GLU B 66 -29.57 -13.46 13.72
N PHE B 67 -29.19 -12.26 13.30
CA PHE B 67 -29.17 -11.89 11.87
C PHE B 67 -28.26 -12.82 11.06
N ASP B 68 -27.03 -13.00 11.53
CA ASP B 68 -26.07 -13.90 10.89
C ASP B 68 -26.58 -15.35 10.87
N SER B 69 -27.28 -15.74 11.93
CA SER B 69 -27.89 -17.07 11.98
C SER B 69 -28.96 -17.23 10.89
N ALA B 70 -29.68 -16.14 10.60
CA ALA B 70 -30.67 -16.17 9.53
C ALA B 70 -30.00 -16.28 8.15
N ILE B 71 -28.83 -15.63 7.99
CA ILE B 71 -28.04 -15.78 6.77
C ILE B 71 -27.59 -17.23 6.62
N ASP B 72 -27.05 -17.79 7.70
CA ASP B 72 -26.53 -19.14 7.67
C ASP B 72 -27.62 -20.17 7.33
N LEU B 73 -28.83 -19.95 7.84
CA LEU B 73 -29.97 -20.81 7.53
C LEU B 73 -30.10 -20.94 6.00
N VAL B 74 -30.12 -19.79 5.34
CA VAL B 74 -30.24 -19.74 3.88
C VAL B 74 -29.04 -20.38 3.17
N LEU B 75 -27.82 -20.03 3.61
CA LEU B 75 -26.61 -20.68 3.09
C LEU B 75 -26.68 -22.22 3.17
N GLU B 76 -27.18 -22.76 4.28
CA GLU B 76 -27.37 -24.21 4.43
C GLU B 76 -28.45 -24.74 3.47
N GLU B 77 -29.56 -24.03 3.38
CA GLU B 77 -30.66 -24.41 2.48
C GLU B 77 -30.17 -24.54 1.02
N PHE B 78 -29.21 -23.68 0.63
CA PHE B 78 -28.63 -23.68 -0.71
C PHE B 78 -27.34 -24.48 -0.86
N SER B 79 -26.96 -25.23 0.17
CA SER B 79 -25.73 -26.04 0.17
C SER B 79 -24.48 -25.27 -0.30
N ILE B 80 -24.26 -24.09 0.28
CA ILE B 80 -23.20 -23.20 -0.16
C ILE B 80 -21.82 -23.60 0.39
N ASP B 81 -20.79 -23.51 -0.45
CA ASP B 81 -19.41 -23.89 -0.10
C ASP B 81 -18.57 -22.66 0.22
N ILE B 82 -18.83 -21.58 -0.50
CA ILE B 82 -18.01 -20.38 -0.43
C ILE B 82 -18.92 -19.17 -0.45
N VAL B 83 -18.56 -18.19 0.38
CA VAL B 83 -19.26 -16.91 0.45
C VAL B 83 -18.35 -15.78 -0.03
N CYS B 84 -18.87 -14.92 -0.90
CA CYS B 84 -18.18 -13.69 -1.26
C CYS B 84 -18.98 -12.50 -0.77
N LEU B 85 -18.29 -11.55 -0.16
CA LEU B 85 -18.87 -10.28 0.23
C LEU B 85 -18.53 -9.26 -0.87
N ALA B 86 -19.56 -8.72 -1.51
CA ALA B 86 -19.41 -7.73 -2.58
C ALA B 86 -20.14 -6.45 -2.20
N GLY B 87 -19.43 -5.54 -1.52
CA GLY B 87 -20.08 -4.36 -0.99
C GLY B 87 -21.11 -4.66 0.10
N PHE B 88 -20.97 -5.80 0.78
CA PHE B 88 -21.76 -6.14 1.97
C PHE B 88 -21.25 -5.29 3.13
N MET B 89 -22.16 -4.60 3.83
CA MET B 89 -21.73 -3.54 4.76
C MET B 89 -22.04 -3.82 6.23
N ARG B 90 -22.42 -5.05 6.54
CA ARG B 90 -22.65 -5.46 7.91
C ARG B 90 -21.44 -6.23 8.42
N ILE B 91 -20.89 -5.79 9.56
CA ILE B 91 -19.83 -6.55 10.22
C ILE B 91 -20.43 -7.85 10.79
N LEU B 92 -19.80 -8.98 10.47
CA LEU B 92 -20.31 -10.28 10.89
C LEU B 92 -19.74 -10.71 12.24
N SER B 93 -20.54 -11.49 12.97
CA SER B 93 -20.23 -11.99 14.31
C SER B 93 -19.17 -13.07 14.29
N GLY B 94 -18.46 -13.19 15.42
CA GLY B 94 -17.48 -14.23 15.69
C GLY B 94 -17.84 -15.63 15.22
N PRO B 95 -18.95 -16.20 15.70
CA PRO B 95 -19.31 -17.59 15.34
C PRO B 95 -19.58 -17.81 13.84
N PHE B 96 -20.26 -16.87 13.17
CA PHE B 96 -20.45 -16.98 11.73
C PHE B 96 -19.09 -16.98 11.01
N VAL B 97 -18.29 -15.97 11.32
CA VAL B 97 -16.94 -15.83 10.75
C VAL B 97 -16.14 -17.12 10.98
N GLN B 98 -16.20 -17.65 12.20
CA GLN B 98 -15.49 -18.87 12.56
C GLN B 98 -15.94 -20.08 11.75
N LYS B 99 -17.25 -20.25 11.62
CA LYS B 99 -17.83 -21.36 10.85
C LYS B 99 -17.38 -21.32 9.38
N TRP B 100 -17.33 -20.11 8.83
CA TRP B 100 -17.00 -19.91 7.41
C TRP B 100 -15.51 -19.63 7.16
N ASN B 101 -14.69 -19.84 8.20
CA ASN B 101 -13.24 -19.64 8.16
C ASN B 101 -12.59 -20.38 6.98
N GLY B 102 -11.86 -19.64 6.14
CA GLY B 102 -11.28 -20.24 4.95
C GLY B 102 -12.25 -20.41 3.78
N LYS B 103 -13.49 -19.99 3.97
CA LYS B 103 -14.51 -20.15 2.93
C LYS B 103 -15.25 -18.86 2.61
N MET B 104 -14.77 -17.74 3.14
CA MET B 104 -15.48 -16.49 2.92
C MET B 104 -14.48 -15.42 2.53
N LEU B 105 -14.73 -14.78 1.39
CA LEU B 105 -13.83 -13.73 0.86
C LEU B 105 -14.51 -12.38 0.84
N ASN B 106 -13.70 -11.34 1.00
CA ASN B 106 -14.17 -9.96 0.90
C ASN B 106 -13.26 -9.18 -0.06
N ILE B 107 -13.84 -8.22 -0.76
CA ILE B 107 -13.03 -7.24 -1.51
C ILE B 107 -13.04 -5.89 -0.81
N HIS B 108 -11.86 -5.28 -0.72
CA HIS B 108 -11.67 -4.01 -0.01
C HIS B 108 -10.86 -3.05 -0.91
N PRO B 109 -11.30 -1.80 -1.07
CA PRO B 109 -10.68 -0.89 -2.06
C PRO B 109 -9.48 -0.11 -1.48
N SER B 110 -8.53 -0.85 -0.92
CA SER B 110 -7.20 -0.31 -0.65
C SER B 110 -6.23 -1.46 -0.70
N LEU B 111 -4.93 -1.12 -0.62
CA LEU B 111 -3.88 -2.08 -0.43
C LEU B 111 -3.69 -2.28 1.08
N LEU B 112 -4.45 -3.21 1.63
CA LEU B 112 -4.34 -3.54 3.04
C LEU B 112 -2.88 -3.87 3.32
N PRO B 113 -2.33 -3.54 4.49
CA PRO B 113 -3.10 -3.09 5.67
C PRO B 113 -3.41 -1.57 5.73
N SER B 114 -3.06 -0.79 4.70
CA SER B 114 -3.47 0.64 4.66
C SER B 114 -4.98 0.82 4.53
N PHE B 115 -5.50 1.87 5.18
CA PHE B 115 -6.86 2.35 4.95
C PHE B 115 -7.93 1.27 5.20
N LYS B 116 -7.86 0.66 6.37
CA LYS B 116 -8.94 -0.22 6.80
C LYS B 116 -10.21 0.60 6.98
N GLY B 117 -11.36 -0.06 6.80
CA GLY B 117 -12.63 0.57 7.09
C GLY B 117 -13.35 1.02 5.82
N SER B 118 -14.57 1.51 5.97
CA SER B 118 -15.50 1.67 4.84
C SER B 118 -15.29 2.93 3.99
N ASN B 119 -14.36 3.79 4.37
CA ASN B 119 -14.12 5.01 3.58
C ASN B 119 -12.68 5.05 3.03
N ALA B 120 -12.20 3.93 2.51
CA ALA B 120 -10.78 3.86 2.08
C ALA B 120 -10.38 4.88 1.02
N HIS B 121 -11.27 5.17 0.06
CA HIS B 121 -10.91 6.13 -0.98
C HIS B 121 -10.69 7.51 -0.40
N GLU B 122 -11.56 7.90 0.53
CA GLU B 122 -11.47 9.17 1.22
C GLU B 122 -10.16 9.26 2.01
N GLN B 123 -9.78 8.17 2.68
CA GLN B 123 -8.55 8.12 3.46
C GLN B 123 -7.33 8.29 2.53
N ALA B 124 -7.36 7.58 1.40
CA ALA B 124 -6.25 7.59 0.44
C ALA B 124 -6.01 9.00 -0.10
N LEU B 125 -7.10 9.66 -0.48
CA LEU B 125 -7.00 11.04 -0.99
C LEU B 125 -6.53 12.03 0.08
N GLU B 126 -7.05 11.92 1.30
CA GLU B 126 -6.61 12.79 2.39
C GLU B 126 -5.16 12.56 2.76
N THR B 127 -4.73 11.30 2.67
CA THR B 127 -3.33 10.95 2.95
C THR B 127 -2.36 11.38 1.83
N GLY B 128 -2.87 11.51 0.61
CA GLY B 128 -2.05 11.99 -0.50
C GLY B 128 -1.12 10.93 -1.12
N VAL B 129 -1.48 9.65 -0.97
CA VAL B 129 -0.81 8.58 -1.71
C VAL B 129 -0.95 8.81 -3.23
N THR B 130 0.05 8.36 -4.00
CA THR B 130 -0.08 8.36 -5.45
C THR B 130 -0.40 6.96 -5.94
N VAL B 131 -0.33 5.98 -5.04
CA VAL B 131 -0.64 4.59 -5.39
C VAL B 131 -1.58 4.03 -4.30
N THR B 132 -2.74 3.57 -4.73
CA THR B 132 -3.59 2.78 -3.89
C THR B 132 -3.89 1.42 -4.56
N GLY B 133 -5.05 0.83 -4.31
CA GLY B 133 -5.39 -0.41 -4.99
C GLY B 133 -6.54 -1.12 -4.30
N CYS B 134 -6.62 -2.44 -4.50
CA CYS B 134 -7.68 -3.21 -3.87
C CYS B 134 -7.08 -4.54 -3.38
N THR B 135 -7.76 -5.15 -2.42
CA THR B 135 -7.34 -6.39 -1.81
C THR B 135 -8.53 -7.33 -1.70
N VAL B 136 -8.32 -8.58 -2.11
CA VAL B 136 -9.22 -9.67 -1.72
C VAL B 136 -8.55 -10.42 -0.57
N HIS B 137 -9.32 -10.59 0.51
CA HIS B 137 -8.81 -11.28 1.68
C HIS B 137 -9.84 -12.23 2.23
N PHE B 138 -9.36 -13.24 2.94
CA PHE B 138 -10.29 -14.07 3.72
C PHE B 138 -10.88 -13.20 4.82
N VAL B 139 -12.12 -13.47 5.18
CA VAL B 139 -12.76 -12.72 6.24
C VAL B 139 -12.34 -13.32 7.59
N ALA B 140 -11.78 -12.49 8.46
CA ALA B 140 -11.45 -12.86 9.82
C ALA B 140 -12.30 -12.02 10.76
N GLU B 141 -12.29 -12.36 12.03
CA GLU B 141 -13.05 -11.63 13.02
C GLU B 141 -12.77 -10.13 13.00
N ASP B 142 -11.48 -9.76 13.01
CA ASP B 142 -11.09 -8.35 12.94
C ASP B 142 -11.30 -7.84 11.53
N VAL B 143 -12.07 -6.77 11.44
CA VAL B 143 -12.50 -6.15 10.19
C VAL B 143 -11.31 -5.82 9.28
N ASP B 144 -11.39 -6.18 8.01
CA ASP B 144 -10.36 -5.84 7.01
C ASP B 144 -8.93 -6.29 7.45
N ALA B 145 -8.83 -7.43 8.14
CA ALA B 145 -7.55 -7.87 8.70
C ALA B 145 -7.26 -9.36 8.44
N GLY B 146 -8.13 -10.01 7.67
CA GLY B 146 -7.97 -11.41 7.31
C GLY B 146 -6.84 -11.64 6.33
N GLN B 147 -6.49 -12.90 6.10
CA GLN B 147 -5.36 -13.24 5.23
C GLN B 147 -5.56 -12.82 3.78
N ILE B 148 -4.52 -12.23 3.20
CA ILE B 148 -4.58 -11.59 1.89
C ILE B 148 -4.38 -12.66 0.82
N ILE B 149 -5.29 -12.66 -0.16
CA ILE B 149 -5.20 -13.62 -1.26
C ILE B 149 -4.55 -12.96 -2.48
N LEU B 150 -5.13 -11.86 -2.95
CA LEU B 150 -4.59 -11.10 -4.08
C LEU B 150 -4.76 -9.59 -3.82
N GLN B 151 -3.92 -8.80 -4.45
CA GLN B 151 -4.00 -7.35 -4.44
C GLN B 151 -3.65 -6.83 -5.83
N GLU B 152 -4.12 -5.64 -6.17
CA GLU B 152 -3.70 -4.97 -7.40
C GLU B 152 -3.56 -3.47 -7.12
N ALA B 153 -2.40 -2.91 -7.47
CA ALA B 153 -2.14 -1.47 -7.26
C ALA B 153 -2.83 -0.69 -8.35
N VAL B 154 -3.29 0.50 -7.97
CA VAL B 154 -3.97 1.43 -8.86
C VAL B 154 -3.44 2.85 -8.58
N PRO B 155 -3.10 3.59 -9.63
CA PRO B 155 -2.59 4.96 -9.46
C PRO B 155 -3.69 5.90 -8.95
N VAL B 156 -3.30 6.87 -8.15
CA VAL B 156 -4.13 8.02 -7.84
C VAL B 156 -3.70 9.15 -8.77
N LYS B 157 -4.67 9.76 -9.46
CA LYS B 157 -4.38 10.90 -10.32
C LYS B 157 -4.61 12.20 -9.55
N ARG B 158 -3.70 13.16 -9.71
CA ARG B 158 -3.89 14.45 -9.05
C ARG B 158 -5.23 15.00 -9.52
N GLY B 159 -6.07 15.41 -8.58
CA GLY B 159 -7.39 15.97 -8.93
C GLY B 159 -8.51 14.94 -8.87
N ASP B 160 -8.14 13.69 -8.61
CA ASP B 160 -9.11 12.63 -8.40
C ASP B 160 -10.14 13.03 -7.34
N THR B 161 -11.38 12.62 -7.57
CA THR B 161 -12.41 12.69 -6.53
C THR B 161 -12.59 11.28 -6.02
N VAL B 162 -13.43 11.10 -5.00
CA VAL B 162 -13.78 9.75 -4.58
C VAL B 162 -14.39 9.03 -5.78
N ALA B 163 -15.24 9.73 -6.53
CA ALA B 163 -15.90 9.08 -7.67
C ALA B 163 -14.90 8.58 -8.75
N THR B 164 -13.93 9.40 -9.13
CA THR B 164 -12.98 8.92 -10.15
C THR B 164 -12.05 7.84 -9.65
N LEU B 165 -11.51 8.02 -8.43
CA LEU B 165 -10.67 6.99 -7.84
C LEU B 165 -11.44 5.68 -7.64
N SER B 166 -12.66 5.75 -7.15
CA SER B 166 -13.42 4.52 -6.89
C SER B 166 -13.72 3.72 -8.18
N GLU B 167 -14.03 4.43 -9.26
CA GLU B 167 -14.25 3.75 -10.55
C GLU B 167 -12.95 3.06 -11.04
N ARG B 168 -11.81 3.73 -10.90
CA ARG B 168 -10.53 3.12 -11.30
C ARG B 168 -10.17 1.87 -10.46
N VAL B 169 -10.36 1.96 -9.15
CA VAL B 169 -10.16 0.80 -8.29
C VAL B 169 -11.15 -0.33 -8.60
N LYS B 170 -12.39 0.03 -8.93
CA LYS B 170 -13.40 -0.96 -9.25
C LYS B 170 -12.97 -1.82 -10.45
N LEU B 171 -12.41 -1.17 -11.47
CA LEU B 171 -11.93 -1.93 -12.62
C LEU B 171 -10.85 -2.96 -12.23
N ALA B 172 -9.93 -2.59 -11.35
CA ALA B 172 -9.01 -3.56 -10.77
C ALA B 172 -9.71 -4.66 -9.94
N GLU B 173 -10.71 -4.28 -9.15
CA GLU B 173 -11.52 -5.27 -8.42
C GLU B 173 -12.17 -6.29 -9.35
N HIS B 174 -12.60 -5.85 -10.54
CA HIS B 174 -13.25 -6.74 -11.51
C HIS B 174 -12.31 -7.86 -11.92
N LYS B 175 -11.00 -7.59 -11.90
CA LYS B 175 -9.98 -8.59 -12.21
C LYS B 175 -9.68 -9.52 -11.02
N ILE B 176 -9.28 -8.95 -9.90
CA ILE B 176 -8.80 -9.82 -8.80
C ILE B 176 -9.91 -10.53 -8.03
N PHE B 177 -11.14 -9.97 -8.00
CA PHE B 177 -12.19 -10.67 -7.23
C PHE B 177 -12.53 -12.04 -7.84
N PRO B 178 -12.85 -12.13 -9.13
CA PRO B 178 -13.04 -13.46 -9.73
C PRO B 178 -11.79 -14.33 -9.75
N ALA B 179 -10.61 -13.74 -9.94
CA ALA B 179 -9.37 -14.54 -9.91
C ALA B 179 -9.23 -15.21 -8.54
N ALA B 180 -9.52 -14.47 -7.47
CA ALA B 180 -9.37 -14.98 -6.11
C ALA B 180 -10.42 -16.05 -5.81
N LEU B 181 -11.66 -15.81 -6.26
CA LEU B 181 -12.73 -16.82 -6.13
C LEU B 181 -12.29 -18.13 -6.78
N GLN B 182 -11.81 -18.07 -8.02
CA GLN B 182 -11.38 -19.27 -8.72
C GLN B 182 -10.25 -20.00 -7.99
N LEU B 183 -9.30 -19.25 -7.44
CA LEU B 183 -8.16 -19.80 -6.70
C LEU B 183 -8.63 -20.57 -5.46
N VAL B 184 -9.56 -19.99 -4.72
CA VAL B 184 -10.09 -20.66 -3.53
C VAL B 184 -11.04 -21.80 -3.91
N ALA B 185 -11.91 -21.57 -4.89
CA ALA B 185 -12.84 -22.61 -5.32
C ALA B 185 -12.17 -23.87 -5.88
N SER B 186 -11.09 -23.68 -6.63
CA SER B 186 -10.34 -24.80 -7.21
C SER B 186 -9.43 -25.50 -6.19
N GLY B 187 -9.21 -24.87 -5.04
CA GLY B 187 -8.34 -25.43 -4.03
C GLY B 187 -6.88 -25.11 -4.26
N THR B 188 -6.61 -24.19 -5.20
CA THR B 188 -5.24 -23.75 -5.48
C THR B 188 -4.71 -22.95 -4.29
N VAL B 189 -5.61 -22.21 -3.67
CA VAL B 189 -5.27 -21.39 -2.52
C VAL B 189 -6.16 -21.79 -1.36
N GLN B 190 -5.55 -21.98 -0.20
CA GLN B 190 -6.32 -22.26 0.99
C GLN B 190 -5.77 -21.52 2.19
N LEU B 191 -6.64 -21.36 3.19
CA LEU B 191 -6.24 -20.89 4.49
C LEU B 191 -5.72 -22.12 5.25
N GLY B 192 -4.44 -22.09 5.58
CA GLY B 192 -3.78 -23.22 6.21
C GLY B 192 -4.17 -23.44 7.67
N GLU B 193 -3.83 -24.62 8.19
CA GLU B 193 -4.08 -24.98 9.59
C GLU B 193 -3.45 -23.96 10.56
N ASN B 194 -2.26 -23.47 10.20
CA ASN B 194 -1.54 -22.45 10.96
C ASN B 194 -2.11 -21.02 10.79
N GLY B 195 -3.27 -20.93 10.12
CA GLY B 195 -3.92 -19.67 9.82
C GLY B 195 -3.23 -18.85 8.75
N LYS B 196 -2.27 -19.46 8.04
CA LYS B 196 -1.55 -18.75 6.99
C LYS B 196 -2.04 -19.18 5.62
N ILE B 197 -1.99 -18.25 4.67
CA ILE B 197 -2.35 -18.50 3.28
C ILE B 197 -1.36 -19.50 2.67
N CYS B 198 -1.90 -20.51 2.00
CA CYS B 198 -1.11 -21.55 1.39
C CYS B 198 -1.49 -21.72 -0.09
N TRP B 199 -0.50 -21.69 -0.97
CA TRP B 199 -0.68 -22.05 -2.38
C TRP B 199 -0.27 -23.52 -2.60
N VAL B 200 -1.24 -24.36 -2.97
CA VAL B 200 -0.97 -25.81 -3.14
C VAL B 200 -0.44 -26.17 -4.53
P PO4 C . 21.15 2.02 -0.08
O1 PO4 C . 19.93 1.46 0.60
O2 PO4 C . 21.74 0.99 -1.03
O3 PO4 C . 22.17 2.38 0.97
O4 PO4 C . 20.82 3.24 -0.88
P PO4 D . 12.93 -11.26 -9.46
O1 PO4 D . 12.33 -12.53 -10.02
O2 PO4 D . 14.17 -10.91 -10.25
O3 PO4 D . 13.30 -11.46 -7.99
O4 PO4 D . 11.94 -10.11 -9.62
O4 KEU E . 18.95 0.33 13.18
C21 KEU E . 19.37 1.46 13.68
O5 KEU E . 20.54 1.78 13.92
C20 KEU E . 18.23 2.35 13.97
C19 KEU E . 18.63 3.69 14.58
C17 KEU E . 17.48 4.58 14.87
N KEU E . 16.86 4.81 13.50
C KEU E . 15.54 4.48 13.24
O KEU E . 14.83 3.99 14.08
C14 KEU E . 15.03 4.79 11.93
C13 KEU E . 13.56 4.52 11.72
C12 KEU E . 12.95 4.86 10.47
C11 KEU E . 13.83 5.47 9.38
C16 KEU E . 15.26 5.69 9.60
C15 KEU E . 15.87 5.37 10.85
C10 KEU E . 13.29 5.98 7.92
C1 KEU E . 14.14 7.18 7.45
C2 KEU E . 13.39 8.45 8.28
C3 KEU E . 13.41 9.86 7.58
C4 KEU E . 13.47 10.73 8.79
C9 KEU E . 12.23 11.12 9.09
O1 KEU E . 10.98 10.87 8.50
N3 KEU E . 11.79 12.06 10.32
C8 KEU E . 12.80 12.48 11.11
N2 KEU E . 12.55 13.28 12.17
N1 KEU E . 13.99 12.17 10.85
C7 KEU E . 14.45 11.29 9.75
N8 KEU E . 15.79 11.02 9.62
C5 KEU E . 13.08 5.03 6.70
OA2 KEU E . 12.29 5.34 5.90
OA1 KEU E . 12.26 3.88 7.46
C6 KEU E . 14.25 4.11 6.27
F2 KEU E . 14.90 3.33 7.21
F1 KEU E . 15.16 5.04 5.93
F KEU E . 13.88 3.35 5.22
C18 KEU E . 17.80 5.97 15.57
O3 KEU E . 17.94 5.99 16.78
O2 KEU E . 17.94 7.13 14.83
P PO4 F . -20.07 -5.33 -11.87
O1 PO4 F . -21.33 -5.88 -11.26
O2 PO4 F . -19.06 -6.42 -12.05
O3 PO4 F . -19.52 -4.30 -10.92
O4 PO4 F . -20.37 -4.72 -13.21
O4 KEU G . -22.85 2.20 6.22
C21 KEU G . -23.30 1.25 7.05
O5 KEU G . -24.46 0.82 7.09
C20 KEU G . -22.19 0.77 7.93
C19 KEU G . -22.60 -0.33 8.93
C17 KEU G . -21.53 -0.87 9.84
N KEU G . -20.48 -1.44 8.90
C KEU G . -19.14 -1.10 8.94
O KEU G . -18.71 -0.28 9.74
C14 KEU G . -18.21 -1.76 7.99
C13 KEU G . -16.75 -1.39 8.11
C12 KEU G . -15.75 -2.04 7.24
C11 KEU G . -16.26 -3.09 6.23
C16 KEU G . -17.70 -3.39 6.15
C15 KEU G . -18.67 -2.76 6.99
C10 KEU G . -15.32 -3.98 5.20
C1 KEU G . -16.03 -5.30 4.81
C2 KEU G . -15.57 -6.28 6.11
C3 KEU G . -15.47 -7.83 5.86
C4 KEU G . -15.95 -8.31 7.21
C9 KEU G . -14.85 -8.55 7.95
O1 KEU G . -13.47 -8.44 7.70
N3 KEU G . -14.86 -9.09 9.49
C8 KEU G . -16.08 -9.30 10.04
N2 KEU G . -16.20 -9.73 11.27
N1 KEU G . -17.15 -9.07 9.35
C7 KEU G . -17.18 -8.59 7.98
N8 KEU G . -18.40 -8.42 7.44
C5 KEU G . -14.69 -3.33 3.89
OA2 KEU G . -13.73 -3.79 3.45
OA1 KEU G . -14.08 -2.00 4.55
C6 KEU G . -15.64 -2.58 2.92
F2 KEU G . -16.56 -1.64 3.42
F1 KEU G . -16.39 -3.61 2.56
F KEU G . -14.94 -2.06 1.90
C18 KEU G . -22.01 -1.99 10.87
O3 KEU G . -22.50 -1.67 11.97
O2 KEU G . -21.86 -3.31 10.53
#